data_1LWS
#
_entry.id   1LWS
#
_cell.length_a   123.000
_cell.length_b   123.000
_cell.length_c   211.700
_cell.angle_alpha   90.00
_cell.angle_beta   90.00
_cell.angle_gamma   120.00
#
_symmetry.space_group_name_H-M   'P 65 2 2'
#
loop_
_entity.id
_entity.type
_entity.pdbx_description
1 polymer 'PI-SceI DNA recognition region top strand'
2 polymer 'PI-SceI DNA recognition region bottom strand'
3 polymer 'ENDONUCLEASE PI-SCEI'
4 non-polymer 'CALCIUM ION'
#
loop_
_entity_poly.entity_id
_entity_poly.type
_entity_poly.pdbx_seq_one_letter_code
_entity_poly.pdbx_strand_id
1 'polydeoxyribonucleotide'
;(DC)(DT)(DC)(DT)(DA)(DT)(DG)(DT)(DC)(DG)(DG)(DG)(DT)(DG)(DC)(DG)(DG)(DA)(DG)(DA)
(DA)(DA)(DG)(DA)(DG)(DG)(DT)(DA)(DA)(DT)(DG)(DA)(DA)(DA)(DT)(DG)(DG)
;
B
2 'polydeoxyribonucleotide'
;(DG)(DC)(DC)(DA)(DT)(DT)(DT)(DC)(DA)(DT)(DT)(DA)(DC)(DC)(DT)(DC)(DT)(DT)(DT)(DC)
(DT)(DC)(DC)(DG)(DC)(DA)(DC)(DC)(DC)(DG)(DA)(DC)(DA)(DT)(DA)(DG)(DA)
;
C
3 'polypeptide(L)'
;CFAKGTNVL(MSE)ADGSIECIENIEVGNKV(MSE)GKDGRPREVIKLPRGRET(MSE)YSVVQKSQHRAHKSDSSREVP
ELLKFTCNATHELVVRTPRSVRRLSRTIKGVEYFEVITFE(MSE)GQKKAPDGRIVELVKEVSKSYPISEGPERANELVE
SYRKASNKAYFEWTIEARDLSLLGSHVRKATYQTYAPILYENDHFFDY(MSE)QKSKFHLTIEGPKVLAYLLGLWIGDGL
SDRATFSVDSRDTSL(MSE)ERVTEYAEKLNLCAEYKDRKEPQVAKTVNLYSKVVRGNGIRNNLNTENPLWDAIVGLGFL
KDGVKNIPSFLSTDNIGTRETFLAGLIDSDGYVTDEHGIKATIKTIHTSVRDGLVSLARSLGLVVSVNAEPAKVD(MSE)
NGTKHKISYAIY(MSE)SGGDVLLNVLSKCAGSKKFRPAPAAAFARECRGFYFELQELKEDDYYGITLSDDSDHQFLLAN
QVVVHN
;
A
#
loop_
_chem_comp.id
_chem_comp.type
_chem_comp.name
_chem_comp.formula
CA non-polymer 'CALCIUM ION' 'Ca 2'
DA DNA linking 2'-DEOXYADENOSINE-5'-MONOPHOSPHATE 'C10 H14 N5 O6 P'
DC DNA linking 2'-DEOXYCYTIDINE-5'-MONOPHOSPHATE 'C9 H14 N3 O7 P'
DG DNA linking 2'-DEOXYGUANOSINE-5'-MONOPHOSPHATE 'C10 H14 N5 O7 P'
DT DNA linking THYMIDINE-5'-MONOPHOSPHATE 'C10 H15 N2 O8 P'
#
# COMPACT_ATOMS: atom_id res chain seq x y z
N CYS C 1 -12.01 -1.52 18.61
CA CYS C 1 -13.50 -1.24 18.55
C CYS C 1 -13.73 -0.31 17.35
N PHE C 2 -14.21 -0.90 16.26
CA PHE C 2 -14.44 -0.15 15.04
C PHE C 2 -15.90 0.14 14.80
N ALA C 3 -16.24 0.37 13.53
CA ALA C 3 -17.59 0.66 13.07
C ALA C 3 -18.17 -0.54 12.31
N LYS C 4 -19.48 -0.72 12.40
CA LYS C 4 -20.16 -1.83 11.73
C LYS C 4 -19.96 -1.77 10.21
N GLY C 5 -19.35 -2.82 9.64
CA GLY C 5 -19.12 -2.87 8.21
C GLY C 5 -17.65 -2.77 7.81
N THR C 6 -16.83 -2.27 8.75
CA THR C 6 -15.39 -2.12 8.54
C THR C 6 -14.79 -3.45 8.10
N ASN C 7 -14.24 -3.47 6.89
CA ASN C 7 -13.65 -4.70 6.35
C ASN C 7 -12.27 -5.04 6.92
N VAL C 8 -12.19 -6.25 7.45
CA VAL C 8 -10.98 -6.80 8.05
C VAL C 8 -10.26 -7.68 7.05
N LEU C 9 -9.01 -8.02 7.36
CA LEU C 9 -8.23 -8.86 6.46
C LEU C 9 -7.97 -10.23 7.10
N MSE C 10 -8.90 -11.17 6.94
CA MSE C 10 -8.71 -12.48 7.56
C MSE C 10 -7.34 -13.12 7.30
O MSE C 10 -6.74 -12.93 6.24
CB MSE C 10 -9.84 -13.44 7.11
CG MSE C 10 -11.21 -12.93 7.51
SE MSE C 10 -11.07 -12.08 9.27
CE MSE C 10 -12.79 -12.64 10.01
N ALA C 11 -6.85 -13.87 8.30
CA ALA C 11 -5.56 -14.54 8.24
C ALA C 11 -5.32 -15.35 6.98
N ASP C 12 -6.30 -16.17 6.57
CA ASP C 12 -6.17 -16.98 5.36
C ASP C 12 -6.02 -16.12 4.10
N GLY C 13 -6.17 -14.81 4.28
CA GLY C 13 -6.03 -13.89 3.16
C GLY C 13 -7.36 -13.28 2.76
N SER C 14 -8.44 -13.97 3.12
CA SER C 14 -9.77 -13.50 2.76
C SER C 14 -10.03 -12.09 3.30
N ILE C 15 -11.30 -11.71 3.26
CA ILE C 15 -11.77 -10.43 3.74
C ILE C 15 -13.16 -10.63 4.29
N GLU C 16 -13.41 -10.11 5.48
CA GLU C 16 -14.72 -10.25 6.09
C GLU C 16 -15.11 -8.92 6.79
N CYS C 17 -16.41 -8.74 7.06
CA CYS C 17 -16.88 -7.52 7.73
C CYS C 17 -16.78 -7.79 9.23
N ILE C 18 -16.11 -6.87 9.93
CA ILE C 18 -15.91 -7.00 11.37
C ILE C 18 -17.14 -7.60 12.04
N GLU C 19 -18.30 -7.13 11.59
CA GLU C 19 -19.60 -7.55 12.08
C GLU C 19 -19.95 -9.00 11.75
N ASN C 20 -18.96 -9.86 11.65
CA ASN C 20 -19.27 -11.23 11.30
C ASN C 20 -18.22 -12.08 11.95
N ILE C 21 -17.13 -11.44 12.38
CA ILE C 21 -16.03 -12.18 12.99
C ILE C 21 -16.52 -12.96 14.20
N GLU C 22 -16.33 -14.28 14.12
CA GLU C 22 -16.75 -15.18 15.19
C GLU C 22 -15.55 -15.58 16.05
N VAL C 23 -15.79 -15.70 17.35
CA VAL C 23 -14.74 -16.11 18.27
C VAL C 23 -14.13 -17.44 17.83
N GLY C 24 -12.83 -17.43 17.49
CA GLY C 24 -12.19 -18.67 17.07
C GLY C 24 -11.74 -18.71 15.61
N ASN C 25 -11.79 -17.54 14.97
CA ASN C 25 -11.35 -17.43 13.58
C ASN C 25 -10.01 -16.71 13.70
N LYS C 26 -9.31 -16.56 12.58
CA LYS C 26 -8.02 -15.89 12.63
C LYS C 26 -7.86 -14.71 11.66
N VAL C 27 -7.61 -13.54 12.25
CA VAL C 27 -7.41 -12.32 11.49
C VAL C 27 -5.96 -12.33 10.97
N MSE C 28 -5.57 -11.31 10.21
CA MSE C 28 -4.21 -11.24 9.63
C MSE C 28 -3.20 -10.46 10.48
O MSE C 28 -3.32 -9.22 10.59
CB MSE C 28 -4.29 -10.61 8.24
CG MSE C 28 -2.94 -10.40 7.59
SE MSE C 28 -2.22 -12.16 7.22
CE MSE C 28 -3.34 -12.51 5.67
N GLY C 29 -2.22 -11.16 11.04
CA GLY C 29 -1.20 -10.48 11.86
C GLY C 29 -0.29 -9.66 10.96
N LYS C 30 0.12 -8.47 11.39
CA LYS C 30 0.97 -7.67 10.52
C LYS C 30 2.22 -8.41 9.95
N ASP C 31 2.70 -9.42 10.66
CA ASP C 31 3.85 -10.18 10.20
C ASP C 31 3.47 -11.32 9.28
N GLY C 32 2.20 -11.43 8.95
CA GLY C 32 1.81 -12.50 8.05
C GLY C 32 1.26 -13.69 8.81
N ARG C 33 1.39 -13.67 10.13
CA ARG C 33 0.87 -14.78 10.91
C ARG C 33 -0.45 -14.51 11.65
N PRO C 34 -1.32 -15.53 11.70
CA PRO C 34 -2.63 -15.51 12.33
C PRO C 34 -2.70 -14.84 13.68
N ARG C 35 -3.86 -14.26 13.98
CA ARG C 35 -4.10 -13.65 15.29
C ARG C 35 -5.44 -14.24 15.72
N GLU C 36 -5.43 -15.02 16.79
CA GLU C 36 -6.66 -15.63 17.23
C GLU C 36 -7.60 -14.67 18.00
N VAL C 37 -8.89 -14.76 17.69
CA VAL C 37 -9.89 -13.94 18.36
C VAL C 37 -10.53 -14.71 19.51
N ILE C 38 -10.83 -14.00 20.58
CA ILE C 38 -11.47 -14.65 21.73
C ILE C 38 -12.62 -13.82 22.29
N LYS C 39 -12.40 -12.52 22.41
CA LYS C 39 -13.45 -11.65 22.91
C LYS C 39 -13.99 -10.80 21.75
N LEU C 40 -15.31 -10.63 21.75
CA LEU C 40 -16.00 -9.85 20.73
C LEU C 40 -16.70 -8.68 21.40
N PRO C 41 -15.93 -7.65 21.76
CA PRO C 41 -16.45 -6.44 22.42
C PRO C 41 -17.48 -5.74 21.54
N ARG C 42 -18.66 -5.52 22.10
CA ARG C 42 -19.74 -4.86 21.39
C ARG C 42 -20.28 -3.80 22.30
N GLY C 43 -21.05 -2.87 21.73
CA GLY C 43 -21.63 -1.79 22.50
C GLY C 43 -21.66 -0.50 21.69
N ARG C 44 -22.20 0.56 22.27
CA ARG C 44 -22.26 1.86 21.58
C ARG C 44 -21.28 2.84 22.23
N GLU C 45 -21.03 3.96 21.56
CA GLU C 45 -20.13 4.98 22.07
C GLU C 45 -19.90 5.98 20.95
N THR C 46 -19.29 7.12 21.26
CA THR C 46 -19.05 8.09 20.21
C THR C 46 -17.98 7.58 19.26
N MSE C 47 -18.30 7.58 17.97
CA MSE C 47 -17.36 7.11 16.95
C MSE C 47 -16.37 8.19 16.49
O MSE C 47 -16.44 9.35 16.92
CB MSE C 47 -18.16 6.57 15.76
CG MSE C 47 -19.12 5.49 16.15
SE MSE C 47 -18.17 3.98 16.84
CE MSE C 47 -17.84 4.62 18.61
N TYR C 48 -15.45 7.79 15.63
CA TYR C 48 -14.43 8.70 15.11
C TYR C 48 -14.07 8.36 13.63
N SER C 49 -13.86 9.40 12.83
CA SER C 49 -13.50 9.18 11.43
C SER C 49 -12.00 9.33 11.24
N VAL C 50 -11.38 8.28 10.71
CA VAL C 50 -9.95 8.28 10.44
C VAL C 50 -9.80 8.10 8.94
N VAL C 51 -9.24 9.09 8.26
CA VAL C 51 -9.04 8.97 6.81
C VAL C 51 -7.70 9.57 6.44
N GLN C 52 -6.97 8.92 5.53
CA GLN C 52 -5.67 9.45 5.13
C GLN C 52 -5.72 10.85 4.49
N LYS C 53 -4.61 11.58 4.58
CA LYS C 53 -4.54 12.91 3.97
C LYS C 53 -3.80 12.75 2.63
N SER C 54 -4.28 13.42 1.60
CA SER C 54 -3.65 13.33 0.28
C SER C 54 -3.77 14.64 -0.48
N GLN C 55 -2.73 14.96 -1.26
CA GLN C 55 -2.73 16.19 -2.02
C GLN C 55 -3.82 16.19 -3.14
N HIS C 56 -4.88 15.41 -2.93
CA HIS C 56 -6.01 15.32 -3.86
C HIS C 56 -6.82 16.64 -3.76
N ARG C 57 -7.07 17.34 -4.87
CA ARG C 57 -7.80 18.61 -4.79
C ARG C 57 -9.05 18.70 -5.67
N ALA C 58 -9.08 17.87 -6.70
CA ALA C 58 -10.15 17.88 -7.67
C ALA C 58 -11.60 18.02 -7.21
N HIS C 59 -12.00 17.12 -6.34
CA HIS C 59 -13.35 17.10 -5.82
C HIS C 59 -13.79 18.41 -5.15
N LYS C 60 -12.88 19.03 -4.39
CA LYS C 60 -13.21 20.27 -3.68
C LYS C 60 -13.87 21.30 -4.60
N SER C 61 -13.28 21.53 -5.78
CA SER C 61 -13.82 22.50 -6.71
C SER C 61 -15.07 22.01 -7.47
N ASP C 62 -14.93 20.90 -8.21
CA ASP C 62 -16.01 20.30 -9.00
C ASP C 62 -16.74 19.14 -8.33
N SER C 63 -18.06 19.12 -8.44
CA SER C 63 -18.83 18.01 -7.86
C SER C 63 -19.24 16.96 -8.92
N SER C 64 -19.22 15.71 -8.48
CA SER C 64 -19.56 14.55 -9.30
C SER C 64 -18.26 14.05 -9.89
N ARG C 65 -17.18 14.67 -9.43
CA ARG C 65 -15.87 14.23 -9.84
C ARG C 65 -15.71 13.18 -8.73
N GLU C 66 -15.54 11.92 -9.11
CA GLU C 66 -15.43 10.83 -8.16
C GLU C 66 -14.53 11.04 -6.94
N VAL C 67 -15.06 10.75 -5.77
CA VAL C 67 -14.29 10.85 -4.54
C VAL C 67 -13.27 9.70 -4.55
N PRO C 68 -12.03 10.04 -4.18
CA PRO C 68 -10.85 9.16 -4.11
C PRO C 68 -10.92 8.12 -3.00
N GLU C 69 -10.77 6.83 -3.30
CA GLU C 69 -10.76 5.81 -2.22
C GLU C 69 -9.45 6.23 -1.52
N LEU C 70 -9.38 6.21 -0.18
CA LEU C 70 -8.16 6.76 0.40
C LEU C 70 -7.59 6.27 1.73
N LEU C 71 -8.02 5.10 2.19
CA LEU C 71 -7.52 4.56 3.45
C LEU C 71 -8.16 5.25 4.62
N LYS C 72 -9.09 4.55 5.24
CA LYS C 72 -9.83 5.08 6.36
C LYS C 72 -10.54 4.00 7.15
N PHE C 73 -10.94 4.36 8.37
CA PHE C 73 -11.73 3.47 9.19
C PHE C 73 -12.40 4.34 10.22
N THR C 74 -13.40 3.76 10.87
CA THR C 74 -14.15 4.50 11.85
C THR C 74 -14.21 3.67 13.14
N CYS C 75 -13.49 4.16 14.15
CA CYS C 75 -13.37 3.47 15.45
C CYS C 75 -13.97 4.31 16.57
N ASN C 76 -14.08 3.69 17.74
CA ASN C 76 -14.65 4.36 18.91
C ASN C 76 -13.64 5.38 19.48
N ALA C 77 -14.15 6.24 20.37
CA ALA C 77 -13.35 7.32 20.95
C ALA C 77 -12.21 6.93 21.86
N THR C 78 -12.27 5.70 22.36
CA THR C 78 -11.25 5.20 23.26
C THR C 78 -10.28 4.26 22.56
N HIS C 79 -10.54 3.98 21.29
CA HIS C 79 -9.68 3.07 20.54
C HIS C 79 -8.25 3.61 20.44
N GLU C 80 -7.29 2.69 20.53
CA GLU C 80 -5.88 3.03 20.49
C GLU C 80 -5.36 3.02 19.08
N LEU C 81 -4.92 4.19 18.63
CA LEU C 81 -4.38 4.30 17.29
C LEU C 81 -2.96 3.81 17.42
N VAL C 82 -2.51 3.09 16.39
CA VAL C 82 -1.13 2.59 16.39
C VAL C 82 -0.33 3.61 15.58
N VAL C 83 0.22 4.61 16.26
CA VAL C 83 0.95 5.66 15.57
C VAL C 83 2.46 5.57 15.61
N ARG C 84 3.07 6.48 14.86
CA ARG C 84 4.52 6.56 14.77
C ARG C 84 4.93 8.02 14.69
N THR C 85 6.15 8.32 15.14
CA THR C 85 6.61 9.70 15.12
C THR C 85 8.13 9.82 15.13
N PRO C 86 8.67 10.68 14.25
CA PRO C 86 10.10 10.95 14.07
C PRO C 86 10.76 11.48 15.33
N ARG C 87 12.04 11.16 15.46
CA ARG C 87 12.87 11.63 16.59
C ARG C 87 13.59 12.81 15.94
N SER C 88 13.20 14.04 16.27
CA SER C 88 13.85 15.18 15.65
C SER C 88 14.57 16.07 16.65
N VAL C 89 15.50 16.84 16.13
CA VAL C 89 16.25 17.78 16.95
C VAL C 89 16.84 18.79 16.00
N ARG C 90 16.60 20.06 16.32
CA ARG C 90 17.06 21.17 15.51
C ARG C 90 17.64 22.19 16.43
N ARG C 91 18.78 22.75 16.06
CA ARG C 91 19.36 23.76 16.92
C ARG C 91 18.86 25.16 16.52
N LEU C 92 17.85 25.64 17.23
CA LEU C 92 17.29 26.96 16.97
C LEU C 92 18.04 27.92 17.90
N SER C 93 18.25 29.14 17.42
CA SER C 93 18.93 30.16 18.20
C SER C 93 17.95 31.32 18.33
N ARG C 94 17.84 31.88 19.52
CA ARG C 94 16.86 32.95 19.75
C ARG C 94 17.24 34.00 20.82
N THR C 95 16.50 35.11 20.77
CA THR C 95 16.64 36.27 21.67
C THR C 95 15.32 36.64 22.35
N ILE C 96 15.31 36.57 23.67
CA ILE C 96 14.12 36.90 24.43
C ILE C 96 14.23 38.31 24.94
N LYS C 97 13.60 38.58 26.08
CA LYS C 97 13.61 39.89 26.71
C LYS C 97 14.93 40.65 26.76
N GLY C 98 16.01 40.08 26.23
CA GLY C 98 17.27 40.80 26.26
C GLY C 98 18.45 40.04 25.76
N VAL C 99 18.62 38.81 26.24
CA VAL C 99 19.75 37.97 25.82
C VAL C 99 19.42 37.09 24.61
N PHE C 102 21.49 30.36 22.51
CA PHE C 102 21.29 29.09 21.82
C PHE C 102 20.03 28.32 22.24
N GLU C 103 19.94 27.07 21.79
CA GLU C 103 18.80 26.24 22.14
C GLU C 103 18.84 24.89 21.47
N VAL C 104 18.02 23.98 21.97
CA VAL C 104 17.94 22.63 21.45
C VAL C 104 16.52 22.13 21.66
N ILE C 105 15.76 22.04 20.58
CA ILE C 105 14.43 21.55 20.73
C ILE C 105 14.39 20.10 20.23
N THR C 106 13.68 19.25 20.97
CA THR C 106 13.57 17.84 20.60
C THR C 106 12.20 17.25 20.88
N PHE C 107 11.93 16.15 20.19
CA PHE C 107 10.71 15.39 20.35
C PHE C 107 11.02 14.32 21.38
N GLU C 108 10.40 14.43 22.55
CA GLU C 108 10.65 13.48 23.61
C GLU C 108 9.44 12.71 24.07
N MSE C 109 9.75 11.59 24.71
CA MSE C 109 8.75 10.68 25.20
C MSE C 109 8.27 11.26 26.52
O MSE C 109 9.03 11.30 27.50
CB MSE C 109 9.41 9.30 25.36
CG MSE C 109 8.48 8.13 25.19
SE MSE C 109 7.20 8.47 23.80
CE MSE C 109 5.69 8.78 24.95
N GLY C 110 7.04 11.72 26.56
CA GLY C 110 6.55 12.30 27.79
C GLY C 110 5.11 12.04 28.22
N GLN C 111 4.71 12.81 29.23
CA GLN C 111 3.38 12.71 29.81
C GLN C 111 2.67 14.07 29.73
N LYS C 112 1.36 14.05 29.96
CA LYS C 112 0.55 15.26 29.94
C LYS C 112 -0.84 14.90 30.49
N LYS C 113 -1.46 15.85 31.18
CA LYS C 113 -2.79 15.65 31.79
C LYS C 113 -4.00 15.74 30.87
N ALA C 114 -4.86 14.75 31.00
CA ALA C 114 -6.08 14.68 30.21
C ALA C 114 -7.24 15.47 30.83
N PRO C 115 -8.35 15.61 30.11
CA PRO C 115 -9.49 16.33 30.66
C PRO C 115 -9.79 15.64 31.99
N ASP C 116 -9.77 14.29 31.98
CA ASP C 116 -10.00 13.53 33.22
C ASP C 116 -8.69 13.35 33.96
N GLY C 117 -8.71 12.58 35.02
CA GLY C 117 -7.50 12.37 35.78
C GLY C 117 -6.43 11.72 34.92
N ARG C 118 -6.88 10.82 34.04
CA ARG C 118 -6.02 10.07 33.12
C ARG C 118 -4.73 10.77 32.70
N ILE C 119 -3.63 10.06 32.95
CA ILE C 119 -2.30 10.55 32.60
C ILE C 119 -1.85 9.69 31.44
N VAL C 120 -1.91 10.29 30.25
CA VAL C 120 -1.54 9.60 29.02
C VAL C 120 -0.09 9.81 28.62
N GLU C 121 0.51 8.75 28.07
CA GLU C 121 1.90 8.81 27.61
C GLU C 121 1.80 9.33 26.18
N LEU C 122 2.85 9.99 25.68
CA LEU C 122 2.86 10.52 24.31
C LEU C 122 4.07 11.39 24.04
N VAL C 123 4.17 11.95 22.84
CA VAL C 123 5.35 12.76 22.56
C VAL C 123 5.08 14.23 22.71
N LYS C 124 6.10 14.97 23.17
CA LYS C 124 5.99 16.42 23.38
C LYS C 124 7.28 17.09 22.94
N GLU C 125 7.16 18.33 22.44
CA GLU C 125 8.31 19.11 21.99
C GLU C 125 9.01 19.60 23.26
N VAL C 126 10.31 19.37 23.37
CA VAL C 126 11.01 19.82 24.57
C VAL C 126 12.16 20.78 24.30
N SER C 127 12.05 21.99 24.83
CA SER C 127 13.11 22.98 24.64
C SER C 127 14.08 22.98 25.78
N LYS C 128 15.28 23.44 25.50
CA LYS C 128 16.34 23.49 26.48
C LYS C 128 17.49 24.27 25.87
N SER C 129 17.69 25.50 26.36
CA SER C 129 18.74 26.40 25.84
C SER C 129 19.43 27.21 26.92
N TYR C 130 20.69 27.55 26.69
CA TYR C 130 21.46 28.33 27.64
C TYR C 130 21.82 29.68 27.04
N PRO C 131 22.53 30.52 27.82
CA PRO C 131 22.95 31.86 27.35
C PRO C 131 24.05 31.88 26.29
N ILE C 132 23.81 32.66 25.24
CA ILE C 132 24.78 32.80 24.15
C ILE C 132 26.18 32.96 24.74
N SER C 133 26.23 33.70 25.85
CA SER C 133 27.48 33.95 26.59
C SER C 133 28.05 32.68 27.24
N PRO C 136 28.31 27.27 22.02
CA PRO C 136 29.48 26.37 22.04
C PRO C 136 29.12 24.88 22.20
N GLU C 137 30.13 24.06 22.51
CA GLU C 137 29.93 22.61 22.67
C GLU C 137 28.68 22.18 23.47
N ARG C 138 28.12 23.06 24.29
CA ARG C 138 26.91 22.66 25.00
C ARG C 138 25.85 22.18 24.01
N ALA C 139 25.17 23.14 23.39
CA ALA C 139 24.12 22.84 22.44
C ALA C 139 24.51 21.66 21.55
N ASN C 140 25.79 21.57 21.20
CA ASN C 140 26.24 20.45 20.38
C ASN C 140 25.96 19.21 21.21
N GLU C 141 26.67 19.08 22.33
CA GLU C 141 26.52 17.93 23.22
C GLU C 141 25.01 17.71 23.45
N LEU C 142 24.29 18.78 23.79
CA LEU C 142 22.87 18.69 24.07
C LEU C 142 22.12 18.04 22.91
N VAL C 143 22.84 17.77 21.83
CA VAL C 143 22.22 17.15 20.67
C VAL C 143 22.87 15.82 20.39
N GLU C 144 24.17 15.82 20.11
CA GLU C 144 24.85 14.58 19.82
C GLU C 144 24.17 13.50 20.65
N SER C 145 24.00 13.78 21.94
CA SER C 145 23.37 12.83 22.84
C SER C 145 22.07 12.31 22.24
N TYR C 146 21.09 13.20 22.07
CA TYR C 146 19.82 12.79 21.52
C TYR C 146 19.97 11.95 20.26
N ARG C 147 21.03 12.18 19.51
CA ARG C 147 21.23 11.42 18.28
C ARG C 147 21.76 10.02 18.58
N LYS C 148 22.48 9.88 19.68
CA LYS C 148 23.05 8.57 20.02
C LYS C 148 22.33 7.83 21.11
N ALA C 149 21.07 8.19 21.36
CA ALA C 149 20.34 7.51 22.38
C ALA C 149 19.33 6.56 21.76
N SER C 150 19.59 6.05 20.57
CA SER C 150 18.64 5.13 19.96
C SER C 150 19.02 4.82 18.53
N ASN C 151 18.45 3.76 17.96
CA ASN C 151 18.75 3.48 16.58
C ASN C 151 17.51 4.00 15.92
N LYS C 152 16.38 3.41 16.30
CA LYS C 152 15.13 3.85 15.70
C LYS C 152 15.16 5.36 15.41
N ALA C 153 14.61 5.75 14.27
CA ALA C 153 14.56 7.14 13.87
C ALA C 153 13.16 7.65 14.18
N TYR C 154 12.42 6.84 14.92
CA TYR C 154 11.07 7.21 15.28
C TYR C 154 10.62 6.54 16.57
N PHE C 155 9.47 6.96 17.05
CA PHE C 155 8.93 6.37 18.26
C PHE C 155 7.70 5.59 17.78
N GLU C 156 7.58 4.35 18.25
CA GLU C 156 6.44 3.54 17.89
C GLU C 156 5.64 3.54 19.18
N TRP C 157 4.46 4.15 19.19
CA TRP C 157 3.66 4.15 20.41
C TRP C 157 2.21 4.21 20.02
N THR C 158 1.32 3.97 20.98
CA THR C 158 -0.12 4.02 20.69
C THR C 158 -0.79 5.18 21.39
N ILE C 159 -1.95 5.59 20.89
CA ILE C 159 -2.70 6.66 21.52
C ILE C 159 -4.17 6.59 21.13
N GLU C 160 -5.04 6.73 22.11
CA GLU C 160 -6.46 6.67 21.86
C GLU C 160 -6.98 7.91 21.14
N ALA C 161 -7.87 7.68 20.18
CA ALA C 161 -8.45 8.77 19.43
C ALA C 161 -8.67 10.00 20.32
N ARG C 162 -9.55 9.85 21.30
CA ARG C 162 -9.87 10.94 22.20
C ARG C 162 -8.67 11.73 22.79
N ASP C 163 -7.47 11.18 22.68
CA ASP C 163 -6.31 11.87 23.23
C ASP C 163 -5.45 12.59 22.19
N LEU C 164 -5.65 12.29 20.91
CA LEU C 164 -4.84 12.93 19.88
C LEU C 164 -4.77 14.43 20.13
N SER C 165 -5.92 15.00 20.43
CA SER C 165 -6.07 16.43 20.70
C SER C 165 -5.07 16.97 21.72
N LEU C 166 -4.74 16.16 22.71
CA LEU C 166 -3.79 16.57 23.74
C LEU C 166 -2.40 16.70 23.13
N LEU C 167 -2.26 16.21 21.91
CA LEU C 167 -0.97 16.27 21.25
C LEU C 167 -0.59 17.72 20.92
N GLY C 168 0.73 17.98 20.99
CA GLY C 168 1.27 19.31 20.70
C GLY C 168 0.85 19.76 19.32
N SER C 169 1.50 20.79 18.78
CA SER C 169 1.09 21.21 17.45
C SER C 169 2.12 20.67 16.48
N HIS C 170 3.39 20.84 16.82
CA HIS C 170 4.48 20.35 15.99
C HIS C 170 4.41 18.83 15.92
N VAL C 171 4.32 18.20 17.08
CA VAL C 171 4.27 16.74 17.14
C VAL C 171 3.04 16.19 16.45
N ARG C 172 1.91 16.82 16.72
CA ARG C 172 0.68 16.32 16.15
C ARG C 172 0.74 16.16 14.65
N LYS C 173 1.46 17.06 13.96
CA LYS C 173 1.55 16.98 12.50
C LYS C 173 2.53 15.91 12.06
N ALA C 174 3.63 15.81 12.81
CA ALA C 174 4.70 14.84 12.54
C ALA C 174 4.24 13.43 12.75
N THR C 175 3.10 13.28 13.41
CA THR C 175 2.60 11.96 13.71
C THR C 175 1.74 11.31 12.66
N TYR C 176 2.15 10.11 12.29
CA TYR C 176 1.45 9.35 11.27
C TYR C 176 1.15 7.91 11.66
N GLN C 177 0.26 7.28 10.89
CA GLN C 177 -0.07 5.88 11.12
C GLN C 177 0.64 5.08 10.00
N THR C 178 0.27 3.81 9.86
CA THR C 178 0.87 2.91 8.86
C THR C 178 -0.06 1.81 8.29
N TYR C 179 0.38 1.20 7.19
CA TYR C 179 -0.33 0.09 6.55
C TYR C 179 0.79 -0.83 6.09
N ALA C 180 0.73 -2.09 6.54
CA ALA C 180 1.82 -3.04 6.26
C ALA C 180 1.66 -3.81 5.00
N PRO C 181 2.76 -4.05 4.30
CA PRO C 181 2.64 -4.82 3.06
C PRO C 181 2.04 -6.16 3.43
N ILE C 182 1.46 -6.83 2.44
CA ILE C 182 0.90 -8.13 2.72
C ILE C 182 2.03 -9.15 2.54
N LEU C 183 2.54 -9.63 3.67
CA LEU C 183 3.64 -10.58 3.61
C LEU C 183 3.12 -11.99 3.53
N TYR C 184 1.85 -12.15 3.86
CA TYR C 184 1.26 -13.47 3.82
C TYR C 184 1.49 -13.97 2.40
N GLU C 185 1.57 -15.28 2.23
CA GLU C 185 1.78 -15.83 0.91
C GLU C 185 0.94 -17.04 0.63
N ASN C 186 0.07 -16.89 -0.36
CA ASN C 186 -0.79 -17.97 -0.80
C ASN C 186 -0.06 -18.53 -2.00
N ASP C 187 -0.47 -19.68 -2.44
CA ASP C 187 0.15 -20.31 -3.55
C ASP C 187 -1.08 -20.65 -4.42
N HIS C 188 -1.89 -19.66 -4.77
CA HIS C 188 -3.08 -20.03 -5.54
C HIS C 188 -2.61 -19.83 -6.96
N PHE C 189 -1.34 -19.58 -7.19
CA PHE C 189 -1.07 -19.34 -8.59
C PHE C 189 -0.35 -20.58 -8.98
N PHE C 190 0.36 -21.08 -7.98
CA PHE C 190 1.14 -22.27 -8.13
C PHE C 190 0.23 -23.49 -8.22
N ASP C 191 -0.43 -23.81 -7.12
CA ASP C 191 -1.29 -24.98 -7.07
C ASP C 191 -2.17 -25.07 -8.30
N TYR C 192 -2.62 -23.92 -8.81
CA TYR C 192 -3.46 -23.93 -10.01
C TYR C 192 -2.71 -24.62 -11.13
N MSE C 193 -1.67 -23.97 -11.61
CA MSE C 193 -0.90 -24.52 -12.69
C MSE C 193 -0.68 -26.04 -12.60
O MSE C 193 -1.04 -26.80 -13.53
CB MSE C 193 0.45 -23.82 -12.78
CG MSE C 193 0.39 -22.43 -13.33
SE MSE C 193 2.17 -21.79 -13.45
CE MSE C 193 2.81 -22.99 -14.81
N GLN C 194 -0.06 -26.48 -11.50
CA GLN C 194 0.21 -27.90 -11.29
C GLN C 194 -1.09 -28.68 -11.23
N LYS C 195 -2.14 -28.04 -10.74
CA LYS C 195 -3.46 -28.66 -10.63
C LYS C 195 -4.08 -28.79 -12.02
N SER C 196 -3.29 -28.55 -13.07
CA SER C 196 -3.80 -28.64 -14.44
C SER C 196 -2.73 -29.01 -15.47
N LYS C 197 -3.00 -28.61 -16.72
CA LYS C 197 -2.16 -28.82 -17.92
C LYS C 197 -0.81 -29.54 -17.86
N PHE C 198 -0.48 -30.24 -18.96
CA PHE C 198 0.79 -30.98 -19.09
C PHE C 198 1.87 -29.92 -19.13
N HIS C 199 2.17 -29.32 -17.99
CA HIS C 199 3.16 -28.25 -17.96
C HIS C 199 4.65 -28.63 -17.90
N LEU C 200 5.49 -27.62 -18.17
CA LEU C 200 6.94 -27.74 -18.10
C LEU C 200 7.20 -26.84 -16.88
N THR C 201 8.08 -27.29 -15.98
CA THR C 201 8.37 -26.55 -14.74
C THR C 201 9.75 -25.85 -14.62
N ILE C 202 10.02 -25.30 -13.44
CA ILE C 202 11.27 -24.62 -13.04
C ILE C 202 11.26 -23.09 -13.11
N GLU C 203 10.34 -22.54 -13.90
CA GLU C 203 10.23 -21.09 -14.06
C GLU C 203 8.81 -20.90 -14.56
N GLY C 204 8.11 -22.02 -14.66
CA GLY C 204 6.75 -22.01 -15.14
C GLY C 204 5.94 -20.86 -14.58
N PRO C 205 5.58 -20.92 -13.30
CA PRO C 205 4.80 -19.82 -12.73
C PRO C 205 5.34 -18.42 -13.07
N LYS C 206 6.64 -18.32 -13.37
CA LYS C 206 7.25 -17.02 -13.70
C LYS C 206 6.80 -16.47 -15.08
N VAL C 207 7.43 -16.99 -16.13
CA VAL C 207 7.12 -16.57 -17.48
C VAL C 207 5.62 -16.49 -17.63
N LEU C 208 4.91 -17.35 -16.92
CA LEU C 208 3.46 -17.33 -17.02
C LEU C 208 2.99 -15.96 -16.58
N ALA C 209 3.33 -15.65 -15.33
CA ALA C 209 2.99 -14.39 -14.70
C ALA C 209 3.38 -13.20 -15.58
N TYR C 210 4.61 -13.21 -16.08
CA TYR C 210 5.04 -12.10 -16.93
C TYR C 210 4.07 -11.95 -18.08
N LEU C 211 3.78 -13.04 -18.77
CA LEU C 211 2.85 -12.95 -19.90
C LEU C 211 1.47 -12.49 -19.42
N LEU C 212 1.01 -13.08 -18.33
CA LEU C 212 -0.28 -12.72 -17.75
C LEU C 212 -0.24 -11.21 -17.55
N GLY C 213 0.97 -10.70 -17.30
CA GLY C 213 1.14 -9.27 -17.12
C GLY C 213 0.89 -8.56 -18.43
N LEU C 214 1.84 -8.67 -19.35
CA LEU C 214 1.69 -8.06 -20.66
C LEU C 214 0.25 -8.00 -21.07
N TRP C 215 -0.33 -9.18 -21.31
CA TRP C 215 -1.69 -9.31 -21.78
C TRP C 215 -2.65 -8.27 -21.22
N ILE C 216 -2.66 -8.13 -19.89
CA ILE C 216 -3.54 -7.17 -19.26
C ILE C 216 -3.41 -5.84 -19.93
N GLY C 217 -2.16 -5.38 -20.07
CA GLY C 217 -1.90 -4.09 -20.69
C GLY C 217 -2.20 -4.06 -22.17
N ASP C 218 -1.34 -4.76 -22.92
CA ASP C 218 -1.51 -4.80 -24.36
C ASP C 218 -1.89 -6.24 -24.78
N GLY C 219 -3.18 -6.58 -24.71
CA GLY C 219 -3.63 -7.92 -25.08
C GLY C 219 -5.11 -7.88 -25.46
N LEU C 220 -5.47 -8.34 -26.67
CA LEU C 220 -6.88 -8.31 -27.11
C LEU C 220 -7.79 -8.99 -26.12
N SER C 221 -8.92 -8.35 -25.84
CA SER C 221 -9.89 -8.85 -24.88
C SER C 221 -10.73 -10.09 -25.25
N ASP C 222 -10.23 -10.93 -26.17
CA ASP C 222 -10.95 -12.15 -26.58
C ASP C 222 -10.03 -13.34 -26.86
N ARG C 223 -8.71 -13.10 -26.84
CA ARG C 223 -7.77 -14.19 -27.09
C ARG C 223 -6.33 -13.87 -26.67
N ALA C 224 -5.60 -14.94 -26.38
CA ALA C 224 -4.20 -14.90 -25.95
C ALA C 224 -3.26 -14.34 -27.00
N THR C 225 -3.45 -13.06 -27.32
CA THR C 225 -2.64 -12.39 -28.33
C THR C 225 -2.38 -11.00 -27.82
N PHE C 226 -1.31 -10.37 -28.31
CA PHE C 226 -1.04 -9.01 -27.81
C PHE C 226 -0.07 -8.16 -28.62
N SER C 227 -0.20 -6.86 -28.44
CA SER C 227 0.63 -5.91 -29.12
C SER C 227 1.96 -5.76 -28.44
N VAL C 228 2.95 -5.35 -29.21
CA VAL C 228 4.27 -5.08 -28.67
C VAL C 228 4.93 -4.05 -29.56
N ASP C 229 5.72 -3.17 -28.98
CA ASP C 229 6.38 -2.15 -29.78
C ASP C 229 7.59 -2.81 -30.46
N SER C 230 7.58 -2.82 -31.78
CA SER C 230 8.66 -3.43 -32.55
C SER C 230 10.04 -2.83 -32.20
N ARG C 231 10.06 -1.52 -31.94
CA ARG C 231 11.27 -0.78 -31.58
C ARG C 231 11.98 -1.35 -30.33
N ASP C 232 11.21 -1.77 -29.32
CA ASP C 232 11.80 -2.33 -28.12
C ASP C 232 12.18 -3.76 -28.41
N THR C 233 13.47 -4.01 -28.59
CA THR C 233 13.92 -5.35 -28.87
C THR C 233 13.93 -6.23 -27.62
N SER C 234 14.47 -5.70 -26.53
CA SER C 234 14.53 -6.46 -25.30
C SER C 234 13.17 -7.08 -25.05
N LEU C 235 12.14 -6.27 -25.20
CA LEU C 235 10.79 -6.74 -25.00
C LEU C 235 10.55 -7.76 -26.10
N MSE C 236 10.75 -7.30 -27.33
CA MSE C 236 10.57 -8.15 -28.49
C MSE C 236 11.11 -9.51 -28.09
O MSE C 236 10.42 -10.53 -28.16
CB MSE C 236 11.36 -7.57 -29.67
CG MSE C 236 10.81 -7.90 -31.05
SE MSE C 236 9.03 -7.19 -31.36
CE MSE C 236 8.07 -8.87 -31.54
N GLU C 237 12.36 -9.49 -27.63
CA GLU C 237 13.04 -10.71 -27.21
C GLU C 237 12.45 -11.45 -26.01
N ARG C 238 12.08 -10.69 -24.98
CA ARG C 238 11.55 -11.31 -23.79
C ARG C 238 10.35 -12.16 -24.11
N VAL C 239 9.46 -11.65 -24.95
CA VAL C 239 8.30 -12.44 -25.30
C VAL C 239 8.73 -13.73 -25.98
N THR C 240 9.61 -13.57 -26.96
CA THR C 240 10.19 -14.67 -27.73
C THR C 240 10.72 -15.71 -26.76
N GLU C 241 11.79 -15.35 -26.04
CA GLU C 241 12.42 -16.21 -25.06
C GLU C 241 11.41 -16.85 -24.12
N TYR C 242 10.64 -16.00 -23.45
CA TYR C 242 9.62 -16.45 -22.54
C TYR C 242 8.61 -17.36 -23.24
N ALA C 243 8.14 -16.95 -24.42
CA ALA C 243 7.19 -17.76 -25.18
C ALA C 243 7.79 -19.16 -25.32
N GLU C 244 8.97 -19.18 -25.92
CA GLU C 244 9.70 -20.41 -26.11
C GLU C 244 9.61 -21.16 -24.77
N LYS C 245 10.16 -20.57 -23.71
CA LYS C 245 10.15 -21.19 -22.39
C LYS C 245 8.82 -21.85 -22.00
N LEU C 246 7.69 -21.18 -22.23
CA LEU C 246 6.40 -21.76 -21.88
C LEU C 246 6.10 -22.88 -22.88
N ASN C 247 6.97 -22.99 -23.90
CA ASN C 247 6.88 -23.99 -24.96
C ASN C 247 5.85 -23.56 -26.02
N LEU C 248 5.94 -22.31 -26.43
CA LEU C 248 5.01 -21.76 -27.42
C LEU C 248 5.82 -20.90 -28.40
N CYS C 249 5.19 -20.50 -29.52
CA CYS C 249 5.88 -19.70 -30.54
C CYS C 249 5.27 -18.32 -30.82
N ALA C 250 6.09 -17.46 -31.42
CA ALA C 250 5.74 -16.07 -31.78
C ALA C 250 4.61 -15.96 -32.82
N VAL C 260 6.03 0.50 -37.20
CA VAL C 260 5.60 0.88 -35.85
C VAL C 260 5.34 -0.29 -34.93
N ALA C 261 4.06 -0.42 -34.58
CA ALA C 261 3.52 -1.41 -33.69
C ALA C 261 3.25 -2.79 -34.28
N LYS C 262 3.11 -3.77 -33.38
CA LYS C 262 2.84 -5.11 -33.80
C LYS C 262 2.03 -5.92 -32.78
N THR C 263 1.32 -6.91 -33.34
CA THR C 263 0.49 -7.93 -32.70
C THR C 263 1.31 -9.20 -32.83
N VAL C 264 1.49 -9.91 -31.72
CA VAL C 264 2.21 -11.17 -31.73
C VAL C 264 1.29 -12.29 -31.19
N ASN C 265 1.11 -13.36 -31.96
CA ASN C 265 0.24 -14.47 -31.52
C ASN C 265 1.12 -15.58 -30.95
N LEU C 266 0.63 -16.30 -29.94
CA LEU C 266 1.40 -17.40 -29.33
C LEU C 266 0.70 -18.75 -29.47
N TYR C 267 1.06 -19.49 -30.52
CA TYR C 267 0.45 -20.78 -30.78
C TYR C 267 1.30 -21.89 -30.21
N SER C 268 0.67 -23.02 -29.94
CA SER C 268 1.35 -24.18 -29.36
C SER C 268 2.50 -24.75 -30.22
N GLU C 283 -5.99 -25.03 -27.30
CA GLU C 283 -5.07 -25.78 -26.43
C GLU C 283 -3.87 -24.89 -26.10
N ASN C 284 -4.17 -23.72 -25.54
CA ASN C 284 -3.15 -22.75 -25.16
C ASN C 284 -3.18 -22.40 -23.66
N PRO C 285 -2.06 -22.61 -22.96
CA PRO C 285 -1.87 -22.38 -21.52
C PRO C 285 -2.35 -21.00 -21.10
N LEU C 286 -1.76 -20.01 -21.74
CA LEU C 286 -2.10 -18.64 -21.45
C LEU C 286 -3.59 -18.48 -21.39
N TRP C 287 -4.30 -18.80 -22.47
CA TRP C 287 -5.74 -18.66 -22.39
C TRP C 287 -6.26 -19.44 -21.15
N ASP C 288 -5.75 -20.65 -20.95
CA ASP C 288 -6.20 -21.43 -19.82
C ASP C 288 -5.58 -20.88 -18.54
N ALA C 289 -5.60 -19.56 -18.43
CA ALA C 289 -5.06 -18.86 -17.28
C ALA C 289 -5.87 -17.61 -17.25
N ILE C 290 -5.86 -16.90 -18.36
CA ILE C 290 -6.63 -15.69 -18.47
C ILE C 290 -8.08 -16.06 -18.13
N VAL C 291 -8.36 -17.35 -18.18
CA VAL C 291 -9.70 -17.85 -17.84
C VAL C 291 -9.72 -18.44 -16.45
N GLY C 292 -8.92 -19.49 -16.29
CA GLY C 292 -8.83 -20.22 -15.03
C GLY C 292 -8.72 -19.38 -13.77
N LEU C 293 -7.78 -18.45 -13.78
CA LEU C 293 -7.60 -17.62 -12.61
C LEU C 293 -8.48 -16.38 -12.67
N GLY C 294 -9.27 -16.29 -13.73
CA GLY C 294 -10.19 -15.18 -13.90
C GLY C 294 -9.56 -13.83 -14.18
N PHE C 295 -8.59 -13.80 -15.08
CA PHE C 295 -7.99 -12.50 -15.39
C PHE C 295 -8.96 -11.74 -16.28
N LEU C 296 -9.84 -12.49 -16.94
CA LEU C 296 -10.87 -11.90 -17.81
C LEU C 296 -12.18 -12.31 -17.14
N LYS C 297 -12.93 -11.33 -16.61
CA LYS C 297 -14.20 -11.67 -15.92
C LYS C 297 -15.48 -11.37 -16.70
N ASP C 298 -16.10 -12.45 -17.20
CA ASP C 298 -17.32 -12.32 -17.98
C ASP C 298 -17.15 -11.18 -18.98
N GLY C 299 -16.25 -11.42 -19.95
CA GLY C 299 -15.98 -10.45 -21.01
C GLY C 299 -14.81 -9.46 -20.94
N VAL C 300 -14.75 -8.70 -19.86
CA VAL C 300 -13.70 -7.71 -19.71
C VAL C 300 -12.51 -8.19 -18.86
N LYS C 301 -11.42 -7.41 -18.94
CA LYS C 301 -10.20 -7.69 -18.20
C LYS C 301 -10.34 -7.35 -16.72
N ASN C 302 -9.46 -7.91 -15.90
CA ASN C 302 -9.45 -7.62 -14.47
C ASN C 302 -8.39 -8.36 -13.70
N ILE C 303 -7.64 -7.59 -12.90
CA ILE C 303 -6.61 -8.14 -12.05
C ILE C 303 -7.32 -8.77 -10.88
N PRO C 304 -7.42 -10.11 -10.89
CA PRO C 304 -8.10 -10.87 -9.84
C PRO C 304 -7.57 -10.49 -8.46
N SER C 305 -8.38 -10.73 -7.42
CA SER C 305 -7.94 -10.35 -6.08
C SER C 305 -6.83 -11.27 -5.59
N PHE C 306 -7.13 -12.55 -5.44
CA PHE C 306 -6.15 -13.53 -4.98
C PHE C 306 -4.68 -13.08 -5.19
N LEU C 307 -4.40 -12.55 -6.37
CA LEU C 307 -3.04 -12.13 -6.67
C LEU C 307 -2.37 -11.27 -5.57
N SER C 308 -3.18 -10.51 -4.83
CA SER C 308 -2.67 -9.64 -3.76
C SER C 308 -2.02 -10.43 -2.65
N THR C 309 -2.36 -11.71 -2.55
CA THR C 309 -1.84 -12.53 -1.49
C THR C 309 -1.18 -13.84 -1.89
N ASP C 310 -0.50 -13.84 -3.04
CA ASP C 310 0.20 -15.03 -3.52
C ASP C 310 1.71 -14.75 -3.57
N ASN C 311 2.53 -15.80 -3.67
CA ASN C 311 3.98 -15.64 -3.70
C ASN C 311 4.29 -14.22 -4.15
N ILE C 312 5.00 -13.49 -3.31
CA ILE C 312 5.34 -12.13 -3.67
C ILE C 312 5.91 -12.16 -5.08
N GLY C 313 7.11 -12.71 -5.24
CA GLY C 313 7.71 -12.75 -6.55
C GLY C 313 6.68 -12.69 -7.66
N THR C 314 5.83 -13.72 -7.69
CA THR C 314 4.78 -13.81 -8.70
C THR C 314 4.19 -12.45 -8.85
N ARG C 315 3.72 -11.90 -7.74
CA ARG C 315 3.14 -10.56 -7.78
C ARG C 315 4.05 -9.61 -8.57
N GLU C 316 5.25 -9.39 -8.06
CA GLU C 316 6.17 -8.49 -8.73
C GLU C 316 6.30 -8.76 -10.24
N THR C 317 6.43 -10.03 -10.62
CA THR C 317 6.57 -10.33 -12.03
C THR C 317 5.37 -9.80 -12.76
N PHE C 318 4.22 -10.32 -12.37
CA PHE C 318 2.99 -9.88 -12.97
C PHE C 318 3.00 -8.37 -13.12
N LEU C 319 3.72 -7.68 -12.25
CA LEU C 319 3.74 -6.24 -12.34
C LEU C 319 4.67 -5.83 -13.46
N ALA C 320 5.87 -6.41 -13.46
CA ALA C 320 6.82 -6.08 -14.49
C ALA C 320 6.08 -6.12 -15.85
N GLY C 321 5.50 -7.27 -16.17
CA GLY C 321 4.77 -7.41 -17.42
C GLY C 321 3.93 -6.16 -17.63
N LEU C 322 2.92 -6.00 -16.78
CA LEU C 322 2.03 -4.86 -16.88
C LEU C 322 2.82 -3.56 -17.00
N ILE C 323 4.02 -3.51 -16.44
CA ILE C 323 4.75 -2.26 -16.57
C ILE C 323 5.35 -2.16 -17.98
N ASP C 324 5.88 -3.27 -18.49
CA ASP C 324 6.45 -3.26 -19.84
C ASP C 324 5.38 -3.00 -20.83
N SER C 325 4.22 -3.51 -20.52
CA SER C 325 3.20 -3.31 -21.49
C SER C 325 2.74 -1.88 -21.54
N ASP C 326 2.19 -1.44 -20.44
CA ASP C 326 1.59 -0.16 -20.43
C ASP C 326 1.84 0.58 -19.17
N GLY C 327 2.91 1.37 -19.13
CA GLY C 327 3.17 2.14 -17.93
C GLY C 327 4.57 2.66 -18.09
N TYR C 328 4.75 3.97 -18.07
CA TYR C 328 6.09 4.50 -18.25
C TYR C 328 6.76 4.81 -16.96
N VAL C 329 8.07 4.69 -17.00
CA VAL C 329 8.93 4.88 -15.87
C VAL C 329 9.84 6.10 -15.99
N THR C 330 10.11 6.71 -14.84
CA THR C 330 10.99 7.89 -14.71
C THR C 330 11.70 7.89 -13.36
N ASP C 331 12.84 8.58 -13.31
CA ASP C 331 13.65 8.64 -12.09
C ASP C 331 13.79 10.08 -11.63
N GLU C 332 13.29 11.02 -12.46
CA GLU C 332 13.40 12.44 -12.17
C GLU C 332 13.41 12.66 -10.66
N HIS C 333 12.29 12.39 -10.00
CA HIS C 333 12.25 12.59 -8.56
C HIS C 333 12.23 11.29 -7.76
N GLY C 334 13.08 10.36 -8.14
CA GLY C 334 13.13 9.07 -7.46
C GLY C 334 12.30 8.11 -8.29
N ILE C 335 12.76 6.88 -8.42
CA ILE C 335 12.07 5.89 -9.23
C ILE C 335 10.57 5.79 -8.99
N LYS C 336 9.83 5.54 -10.07
CA LYS C 336 8.36 5.42 -10.04
C LYS C 336 7.82 4.93 -11.38
N ALA C 337 6.57 4.51 -11.39
CA ALA C 337 5.98 4.04 -12.62
C ALA C 337 4.49 4.35 -12.64
N THR C 338 4.05 5.00 -13.70
CA THR C 338 2.66 5.36 -13.84
C THR C 338 2.00 4.48 -14.88
N ILE C 339 0.89 3.88 -14.47
CA ILE C 339 0.09 3.00 -15.33
C ILE C 339 -1.23 3.71 -15.61
N LYS C 340 -1.81 3.43 -16.76
CA LYS C 340 -3.09 4.06 -17.11
C LYS C 340 -4.12 2.96 -17.27
N THR C 341 -5.32 3.34 -17.65
CA THR C 341 -6.41 2.39 -17.86
C THR C 341 -7.78 3.01 -17.55
N ILE C 342 -8.80 2.46 -18.20
CA ILE C 342 -10.15 2.98 -18.07
C ILE C 342 -11.13 1.99 -17.45
N HIS C 343 -10.72 0.73 -17.32
CA HIS C 343 -11.61 -0.27 -16.73
C HIS C 343 -11.35 -0.19 -15.25
N THR C 344 -12.41 -0.01 -14.47
CA THR C 344 -12.26 0.11 -13.04
C THR C 344 -11.71 -1.16 -12.44
N SER C 345 -12.16 -2.29 -12.95
CA SER C 345 -11.69 -3.59 -12.47
C SER C 345 -10.17 -3.57 -12.39
N VAL C 346 -9.52 -3.33 -13.53
CA VAL C 346 -8.07 -3.26 -13.53
C VAL C 346 -7.60 -2.26 -12.50
N ARG C 347 -8.20 -1.06 -12.53
CA ARG C 347 -7.79 -0.03 -11.59
C ARG C 347 -7.63 -0.67 -10.21
N ASP C 348 -8.76 -0.88 -9.56
CA ASP C 348 -8.75 -1.46 -8.24
C ASP C 348 -7.71 -2.59 -8.11
N GLY C 349 -7.90 -3.65 -8.89
CA GLY C 349 -7.01 -4.79 -8.83
C GLY C 349 -5.51 -4.47 -8.75
N LEU C 350 -5.09 -3.48 -9.54
CA LEU C 350 -3.70 -3.08 -9.58
C LEU C 350 -3.36 -2.45 -8.25
N VAL C 351 -4.26 -1.57 -7.81
CA VAL C 351 -4.12 -0.83 -6.56
C VAL C 351 -3.76 -1.72 -5.40
N SER C 352 -4.63 -2.70 -5.13
CA SER C 352 -4.32 -3.58 -4.02
C SER C 352 -2.97 -4.30 -4.26
N LEU C 353 -2.86 -4.94 -5.43
CA LEU C 353 -1.65 -5.67 -5.72
C LEU C 353 -0.39 -4.85 -5.43
N ALA C 354 -0.34 -3.63 -5.92
CA ALA C 354 0.84 -2.80 -5.70
C ALA C 354 0.97 -2.44 -4.24
N ARG C 355 -0.18 -2.35 -3.60
CA ARG C 355 -0.24 -2.01 -2.19
C ARG C 355 0.16 -3.20 -1.34
N SER C 356 0.01 -4.41 -1.86
CA SER C 356 0.37 -5.59 -1.06
C SER C 356 1.88 -5.82 -1.13
N LEU C 357 2.49 -5.16 -2.12
CA LEU C 357 3.92 -5.25 -2.37
C LEU C 357 4.67 -4.22 -1.60
N GLY C 358 3.92 -3.41 -0.86
CA GLY C 358 4.56 -2.39 -0.05
C GLY C 358 5.04 -1.24 -0.89
N LEU C 359 4.35 -0.99 -2.00
CA LEU C 359 4.68 0.14 -2.84
C LEU C 359 3.63 1.14 -2.44
N VAL C 360 3.96 2.41 -2.58
CA VAL C 360 3.01 3.45 -2.25
C VAL C 360 2.20 3.70 -3.49
N VAL C 361 0.90 3.93 -3.36
CA VAL C 361 0.13 4.17 -4.56
C VAL C 361 -1.05 5.10 -4.42
N SER C 362 -1.15 5.98 -5.40
CA SER C 362 -2.23 6.97 -5.47
C SER C 362 -2.86 6.91 -6.85
N VAL C 363 -4.15 7.18 -6.89
CA VAL C 363 -4.91 7.12 -8.12
C VAL C 363 -5.43 8.45 -8.59
N ASN C 364 -5.19 8.75 -9.87
CA ASN C 364 -5.70 9.95 -10.48
C ASN C 364 -6.77 9.57 -11.50
N ALA C 365 -7.88 10.31 -11.51
CA ALA C 365 -8.93 10.02 -12.46
C ALA C 365 -9.17 11.22 -13.39
N GLU C 366 -9.23 10.93 -14.68
CA GLU C 366 -9.47 11.94 -15.70
C GLU C 366 -10.93 11.82 -16.11
N PRO C 367 -11.63 12.96 -16.20
CA PRO C 367 -13.04 13.06 -16.58
C PRO C 367 -13.40 12.48 -17.96
N ALA C 368 -14.69 12.22 -18.16
CA ALA C 368 -15.15 11.67 -19.42
C ALA C 368 -15.43 12.79 -20.43
N LYS C 369 -14.39 13.59 -20.70
CA LYS C 369 -14.48 14.71 -21.62
C LYS C 369 -14.88 14.29 -23.06
N VAL C 370 -15.65 15.15 -23.71
CA VAL C 370 -16.15 14.97 -25.08
C VAL C 370 -15.63 16.21 -25.85
N ASP C 371 -14.85 16.00 -26.91
CA ASP C 371 -14.28 17.13 -27.65
C ASP C 371 -14.87 17.55 -29.01
N MSE C 372 -14.60 18.81 -29.36
CA MSE C 372 -15.07 19.39 -30.60
C MSE C 372 -14.43 18.68 -31.78
O MSE C 372 -15.02 18.60 -32.86
CB MSE C 372 -14.73 20.88 -30.64
CG MSE C 372 -14.60 21.50 -29.27
SE MSE C 372 -15.21 23.33 -29.15
CE MSE C 372 -13.58 24.23 -29.66
N ASN C 373 -13.22 18.17 -31.57
CA ASN C 373 -12.52 17.45 -32.64
C ASN C 373 -13.34 16.16 -32.81
N GLY C 374 -14.59 16.22 -32.36
CA GLY C 374 -15.50 15.10 -32.44
C GLY C 374 -14.92 13.79 -31.93
N THR C 375 -14.98 13.58 -30.61
CA THR C 375 -14.49 12.35 -30.05
C THR C 375 -15.18 12.19 -28.71
N LYS C 376 -15.28 10.94 -28.26
CA LYS C 376 -15.89 10.65 -26.97
C LYS C 376 -14.84 9.95 -26.14
N HIS C 377 -14.46 10.60 -25.05
CA HIS C 377 -13.46 10.06 -24.15
C HIS C 377 -14.14 9.63 -22.87
N LYS C 378 -13.68 8.51 -22.32
CA LYS C 378 -14.26 8.00 -21.08
C LYS C 378 -13.33 8.37 -19.93
N ILE C 379 -13.78 8.11 -18.70
CA ILE C 379 -13.02 8.40 -17.48
C ILE C 379 -11.71 7.59 -17.44
N SER C 380 -10.60 8.31 -17.54
CA SER C 380 -9.27 7.69 -17.55
C SER C 380 -8.65 7.63 -16.17
N TYR C 381 -8.29 6.43 -15.74
CA TYR C 381 -7.66 6.26 -14.44
C TYR C 381 -6.16 6.07 -14.59
N ALA C 382 -5.39 6.88 -13.85
CA ALA C 382 -3.94 6.77 -13.92
C ALA C 382 -3.40 6.42 -12.57
N ILE C 383 -2.99 5.17 -12.40
CA ILE C 383 -2.43 4.73 -11.13
C ILE C 383 -0.92 5.04 -11.00
N TYR C 384 -0.57 5.66 -9.88
CA TYR C 384 0.80 6.08 -9.60
C TYR C 384 1.43 5.22 -8.52
N MSE C 385 2.70 4.88 -8.72
CA MSE C 385 3.37 4.06 -7.73
C MSE C 385 4.81 4.48 -7.51
O MSE C 385 5.49 4.91 -8.45
CB MSE C 385 3.31 2.59 -8.15
CG MSE C 385 2.79 2.35 -9.55
SE MSE C 385 2.28 0.55 -9.76
CE MSE C 385 4.04 -0.16 -9.83
N SER C 386 5.27 4.36 -6.27
CA SER C 386 6.64 4.73 -5.93
C SER C 386 7.12 3.84 -4.78
N GLY C 387 8.36 4.05 -4.35
CA GLY C 387 8.87 3.25 -3.25
C GLY C 387 10.33 2.88 -3.40
N GLY C 388 11.06 3.62 -4.24
CA GLY C 388 12.46 3.32 -4.43
C GLY C 388 12.82 1.83 -4.54
N ASP C 389 13.61 1.38 -3.58
CA ASP C 389 14.08 -0.01 -3.56
C ASP C 389 13.00 -1.06 -3.80
N VAL C 390 11.82 -0.88 -3.21
CA VAL C 390 10.73 -1.86 -3.40
C VAL C 390 10.30 -1.98 -4.87
N LEU C 391 10.30 -0.85 -5.57
CA LEU C 391 9.90 -0.79 -6.95
C LEU C 391 11.01 -1.31 -7.81
N LEU C 392 12.20 -0.77 -7.58
CA LEU C 392 13.35 -1.19 -8.35
C LEU C 392 13.40 -2.71 -8.46
N ASN C 393 12.95 -3.41 -7.42
CA ASN C 393 12.97 -4.86 -7.46
C ASN C 393 11.98 -5.42 -8.49
N VAL C 394 11.08 -4.57 -8.94
CA VAL C 394 10.11 -5.02 -9.92
C VAL C 394 10.70 -4.72 -11.28
N LEU C 395 11.10 -3.46 -11.43
CA LEU C 395 11.63 -2.99 -12.69
C LEU C 395 12.85 -3.77 -13.17
N SER C 396 13.52 -4.45 -12.25
CA SER C 396 14.70 -5.20 -12.66
C SER C 396 14.24 -6.45 -13.41
N LYS C 397 12.99 -6.84 -13.18
CA LYS C 397 12.53 -8.04 -13.84
C LYS C 397 11.90 -7.72 -15.18
N CYS C 398 11.89 -6.43 -15.51
CA CYS C 398 11.31 -5.98 -16.77
C CYS C 398 12.27 -6.13 -17.93
N ALA C 399 11.72 -6.07 -19.14
CA ALA C 399 12.49 -6.21 -20.36
C ALA C 399 12.48 -4.92 -21.19
N GLY C 400 11.42 -4.13 -21.03
CA GLY C 400 11.33 -2.88 -21.78
C GLY C 400 12.66 -2.15 -21.80
N SER C 401 13.01 -1.60 -22.96
CA SER C 401 14.26 -0.86 -23.09
C SER C 401 14.24 0.31 -22.11
N LYS C 402 13.08 0.98 -22.07
CA LYS C 402 12.85 2.16 -21.25
C LYS C 402 12.23 1.92 -19.88
N LYS C 403 11.84 0.68 -19.59
CA LYS C 403 11.21 0.35 -18.32
C LYS C 403 12.18 -0.23 -17.29
N PHE C 404 13.03 -1.14 -17.76
CA PHE C 404 14.01 -1.81 -16.91
C PHE C 404 14.86 -0.91 -16.03
N ARG C 405 15.19 -1.43 -14.86
CA ARG C 405 16.05 -0.77 -13.90
C ARG C 405 16.80 -1.86 -13.11
N PRO C 406 18.13 -1.73 -13.02
CA PRO C 406 18.93 -2.71 -12.29
C PRO C 406 18.41 -2.93 -10.89
N ALA C 407 18.40 -4.21 -10.50
CA ALA C 407 17.94 -4.58 -9.17
C ALA C 407 18.74 -3.90 -8.05
N PRO C 408 18.09 -3.78 -6.87
CA PRO C 408 18.71 -3.15 -5.70
C PRO C 408 19.98 -3.91 -5.40
N ALA C 409 21.06 -3.19 -5.10
CA ALA C 409 22.33 -3.85 -4.79
C ALA C 409 22.09 -4.96 -3.76
N ALA C 410 21.96 -4.58 -2.50
CA ALA C 410 21.74 -5.52 -1.40
C ALA C 410 20.26 -5.61 -1.01
N ALA C 411 20.01 -5.95 0.26
CA ALA C 411 18.64 -6.08 0.77
C ALA C 411 17.99 -4.70 0.89
N PHE C 412 16.73 -4.60 0.47
CA PHE C 412 15.97 -3.36 0.47
C PHE C 412 14.76 -3.44 1.34
N ALA C 413 14.39 -2.33 1.94
CA ALA C 413 13.22 -2.32 2.80
C ALA C 413 11.86 -2.78 2.24
N ARG C 414 11.10 -3.49 3.06
CA ARG C 414 9.76 -3.89 2.68
C ARG C 414 9.01 -3.59 3.96
N GLU C 415 9.36 -2.44 4.51
CA GLU C 415 8.80 -1.95 5.76
C GLU C 415 7.43 -1.29 5.58
N CYS C 416 6.59 -1.37 6.61
CA CYS C 416 5.25 -0.78 6.57
C CYS C 416 5.38 0.69 6.20
N ARG C 417 4.51 1.14 5.32
CA ARG C 417 4.51 2.52 4.84
C ARG C 417 3.70 3.49 5.72
N GLY C 418 4.25 4.67 5.97
CA GLY C 418 3.51 5.60 6.79
C GLY C 418 2.61 6.58 6.06
N PHE C 419 1.58 7.06 6.75
CA PHE C 419 0.68 8.05 6.18
C PHE C 419 0.10 8.96 7.26
N TYR C 420 -0.13 10.22 6.89
CA TYR C 420 -0.70 11.22 7.80
C TYR C 420 -2.22 11.12 7.74
N PHE C 421 -2.91 11.79 8.67
CA PHE C 421 -4.37 11.68 8.64
C PHE C 421 -5.17 12.72 9.42
N GLU C 422 -6.46 12.79 9.11
CA GLU C 422 -7.40 13.69 9.75
C GLU C 422 -8.25 12.82 10.64
N LEU C 423 -8.71 13.43 11.72
CA LEU C 423 -9.58 12.72 12.65
C LEU C 423 -10.75 13.66 12.88
N GLN C 424 -11.97 13.20 12.63
CA GLN C 424 -13.16 14.04 12.84
C GLN C 424 -14.16 13.40 13.81
N GLU C 425 -14.53 14.15 14.85
CA GLU C 425 -15.47 13.65 15.86
C GLU C 425 -16.78 13.21 15.20
N LEU C 426 -17.48 12.27 15.83
CA LEU C 426 -18.71 11.79 15.23
C LEU C 426 -19.87 11.44 16.15
N LYS C 427 -20.83 10.76 15.55
CA LYS C 427 -22.04 10.33 16.24
C LYS C 427 -21.79 9.19 17.22
N GLU C 428 -22.54 9.21 18.30
CA GLU C 428 -22.44 8.15 19.30
C GLU C 428 -23.20 7.01 18.63
N ASP C 429 -22.46 6.04 18.11
CA ASP C 429 -23.06 4.91 17.42
C ASP C 429 -22.59 3.57 18.00
N ASP C 430 -23.02 2.48 17.38
CA ASP C 430 -22.65 1.15 17.84
C ASP C 430 -21.23 0.83 17.36
N TYR C 431 -20.55 -0.07 18.08
CA TYR C 431 -19.22 -0.49 17.68
C TYR C 431 -19.14 -2.00 17.64
N TYR C 432 -18.24 -2.51 16.79
CA TYR C 432 -18.03 -3.94 16.70
C TYR C 432 -16.54 -4.16 16.96
N GLY C 433 -16.23 -5.10 17.84
CA GLY C 433 -14.84 -5.36 18.17
C GLY C 433 -14.45 -6.82 18.34
N ILE C 434 -13.12 -7.00 18.36
CA ILE C 434 -12.52 -8.31 18.53
C ILE C 434 -11.27 -8.10 19.37
N THR C 435 -11.02 -9.03 20.27
CA THR C 435 -9.84 -8.90 21.10
C THR C 435 -8.94 -10.08 20.83
N LEU C 436 -7.66 -9.76 20.63
CA LEU C 436 -6.68 -10.77 20.32
C LEU C 436 -6.03 -11.44 21.51
N SER C 437 -5.92 -12.78 21.38
CA SER C 437 -5.32 -13.66 22.38
C SER C 437 -4.56 -12.89 23.42
N ASP C 438 -4.75 -13.25 24.69
CA ASP C 438 -4.01 -12.56 25.73
C ASP C 438 -2.50 -12.79 25.60
N ASP C 439 -1.94 -12.76 24.39
CA ASP C 439 -0.50 -12.95 24.24
C ASP C 439 -0.06 -12.82 22.79
N SER C 440 -0.23 -11.61 22.26
CA SER C 440 0.11 -11.32 20.86
C SER C 440 0.33 -9.83 20.71
N ASP C 441 0.84 -9.43 19.54
CA ASP C 441 1.14 -8.03 19.24
C ASP C 441 -0.13 -7.18 19.29
N HIS C 442 -1.29 -7.83 19.32
CA HIS C 442 -2.58 -7.13 19.43
C HIS C 442 -2.76 -6.16 18.28
N GLN C 443 -2.14 -6.49 17.15
CA GLN C 443 -2.24 -5.65 15.99
C GLN C 443 -2.52 -6.50 14.79
N PHE C 444 -3.59 -6.18 14.10
CA PHE C 444 -3.89 -6.92 12.87
C PHE C 444 -4.07 -5.94 11.69
N LEU C 445 -4.23 -6.51 10.51
CA LEU C 445 -4.38 -5.69 9.32
C LEU C 445 -5.82 -5.58 8.89
N LEU C 446 -6.24 -4.36 8.60
CA LEU C 446 -7.60 -4.18 8.14
C LEU C 446 -7.49 -4.43 6.64
N ALA C 447 -8.58 -4.92 6.04
CA ALA C 447 -8.56 -5.20 4.60
C ALA C 447 -7.70 -4.18 3.87
N ASN C 448 -7.90 -2.90 4.18
CA ASN C 448 -7.13 -1.83 3.55
C ASN C 448 -5.62 -1.91 3.80
N GLN C 449 -5.20 -2.78 4.70
CA GLN C 449 -3.79 -2.95 5.03
C GLN C 449 -3.26 -1.95 6.07
N VAL C 450 -4.18 -1.22 6.72
CA VAL C 450 -3.77 -0.25 7.75
C VAL C 450 -3.69 -0.98 9.09
N VAL C 451 -2.59 -0.78 9.79
CA VAL C 451 -2.36 -1.42 11.08
C VAL C 451 -3.19 -0.84 12.20
N VAL C 452 -3.96 -1.71 12.85
CA VAL C 452 -4.82 -1.26 13.92
C VAL C 452 -4.66 -2.09 15.19
N HIS C 453 -4.94 -1.45 16.32
CA HIS C 453 -4.84 -2.11 17.60
C HIS C 453 -6.21 -2.65 17.97
N ASN C 454 -6.24 -3.86 18.54
CA ASN C 454 -7.53 -4.44 18.89
C ASN C 454 -8.14 -3.71 20.07
CA CA D . -2.50 -0.80 -23.31
CA CA E . 1.42 -0.13 -24.74
#